data_6FV0
#
_entry.id   6FV0
#
_cell.length_a   106.040
_cell.length_b   89.680
_cell.length_c   50.990
_cell.angle_alpha   90.00
_cell.angle_beta   98.00
_cell.angle_gamma   90.00
#
_symmetry.space_group_name_H-M   'C 1 2 1'
#
loop_
_entity.id
_entity.type
_entity.pdbx_description
1 polymer 'Kinesin light chain 1,Torsin-1A'
2 polymer nanobody
3 non-polymer DI(HYDROXYETHYL)ETHER
4 water water
#
loop_
_entity_poly.entity_id
_entity_poly.type
_entity_poly.pdbx_seq_one_letter_code
_entity_poly.pdbx_strand_id
1 'polypeptide(L)'
;GSHMGGYEIPARLRTLHNLVIQYASQGRYEVAVPLCKQALEDLEKTSGHDHPDVATMLNILALVYRDQNKYKDAANLLND
ALAIREKTLGRDHPAVAATLNNLAVLYGKRGKYKEAEPLCKRALEIREKVLGKDHPDVAKQLNNLALLCQNQGKYEEVEY
YYQRALGIYQTKLGPDDPNVAKTKNNLASCYLKQGKFKQAETLYKEILTRAHEREFGSVDDENKPIWMHAEEREECKGKQ
KDGSAFGEYGGWYKACKVDSPTVTTTLKNLGALYRRQGKFEAAETLEEAAMRSRKQTGSTGSTGSTGSTGSTGSTGSTGS
TGSTGSTVFTKLDYYLDD
;
A
2 'polypeptide(L)'
;QVQLQESGGGLVQPGGSLRLSCAASGFAFSSYWMYWVRQAPEKGLEWVSTINTGGGITYYKDSVKGRFTVSRDNAKNTLY
LQMNSLKPEDAAQYYCATDMSGTYRGQGTQVTVSSHHHHHH
;
F
#
# COMPACT_ATOMS: atom_id res chain seq x y z
N ARG A 14 20.68 -13.04 -18.19
CA ARG A 14 19.67 -12.70 -17.19
C ARG A 14 19.53 -13.74 -16.07
N THR A 15 19.86 -15.02 -16.36
CA THR A 15 19.80 -16.15 -15.42
C THR A 15 20.53 -15.86 -14.11
N LEU A 16 21.76 -15.31 -14.21
CA LEU A 16 22.63 -14.92 -13.09
C LEU A 16 21.97 -13.95 -12.09
N HIS A 17 21.22 -12.95 -12.60
CA HIS A 17 20.48 -11.95 -11.80
C HIS A 17 19.44 -12.64 -10.89
N ASN A 18 18.81 -13.70 -11.41
CA ASN A 18 17.82 -14.50 -10.70
C ASN A 18 18.47 -15.43 -9.68
N LEU A 19 19.75 -15.83 -9.93
CA LEU A 19 20.50 -16.73 -9.07
C LEU A 19 21.01 -16.06 -7.79
N VAL A 20 21.49 -14.80 -7.88
CA VAL A 20 22.03 -14.04 -6.76
C VAL A 20 20.95 -13.73 -5.71
N ILE A 21 19.79 -13.18 -6.14
CA ILE A 21 18.66 -12.86 -5.25
C ILE A 21 18.24 -14.10 -4.42
N GLN A 22 18.29 -15.30 -5.04
CA GLN A 22 17.99 -16.58 -4.41
C GLN A 22 19.00 -16.92 -3.30
N TYR A 23 20.30 -16.71 -3.58
CA TYR A 23 21.38 -16.94 -2.62
C TYR A 23 21.36 -15.91 -1.47
N ALA A 24 21.00 -14.65 -1.80
CA ALA A 24 20.89 -13.54 -0.86
C ALA A 24 19.72 -13.73 0.11
N SER A 25 18.57 -14.25 -0.39
CA SER A 25 17.35 -14.52 0.39
C SER A 25 17.60 -15.53 1.51
N GLN A 26 18.53 -16.47 1.29
CA GLN A 26 18.93 -17.49 2.24
C GLN A 26 19.96 -16.96 3.26
N GLY A 27 20.51 -15.78 2.99
CA GLY A 27 21.51 -15.14 3.85
C GLY A 27 22.90 -15.69 3.62
N ARG A 28 23.15 -16.24 2.41
CA ARG A 28 24.45 -16.81 2.02
C ARG A 28 25.31 -15.70 1.40
N TYR A 29 25.72 -14.73 2.23
CA TYR A 29 26.52 -13.57 1.82
C TYR A 29 27.94 -13.96 1.38
N GLU A 30 28.48 -15.06 1.92
CA GLU A 30 29.79 -15.61 1.59
C GLU A 30 29.82 -16.18 0.15
N VAL A 31 28.63 -16.42 -0.45
CA VAL A 31 28.45 -16.96 -1.80
C VAL A 31 27.86 -15.88 -2.75
N ALA A 32 26.87 -15.10 -2.27
CA ALA A 32 26.20 -14.04 -3.04
C ALA A 32 27.12 -12.88 -3.43
N VAL A 33 27.95 -12.38 -2.48
CA VAL A 33 28.89 -11.27 -2.73
C VAL A 33 29.96 -11.68 -3.78
N PRO A 34 30.71 -12.82 -3.67
CA PRO A 34 31.68 -13.17 -4.73
C PRO A 34 31.03 -13.45 -6.09
N LEU A 35 29.73 -13.83 -6.11
CA LEU A 35 28.97 -14.07 -7.34
C LEU A 35 28.78 -12.77 -8.10
N CYS A 36 28.36 -11.69 -7.40
CA CYS A 36 28.17 -10.36 -7.96
C CYS A 36 29.50 -9.78 -8.42
N LYS A 37 30.53 -9.83 -7.54
CA LYS A 37 31.89 -9.34 -7.78
C LYS A 37 32.52 -9.99 -9.02
N GLN A 38 32.44 -11.33 -9.14
CA GLN A 38 32.98 -12.05 -10.28
C GLN A 38 32.18 -11.81 -11.56
N ALA A 39 30.85 -11.59 -11.44
CA ALA A 39 29.97 -11.28 -12.56
C ALA A 39 30.31 -9.88 -13.10
N LEU A 40 30.55 -8.91 -12.17
CA LEU A 40 30.94 -7.53 -12.49
C LEU A 40 32.33 -7.48 -13.11
N GLU A 41 33.21 -8.45 -12.76
CA GLU A 41 34.57 -8.56 -13.29
C GLU A 41 34.49 -8.96 -14.78
N ASP A 42 33.62 -9.96 -15.09
CA ASP A 42 33.38 -10.48 -16.45
C ASP A 42 32.77 -9.41 -17.36
N LEU A 43 31.71 -8.71 -16.87
CA LEU A 43 30.99 -7.67 -17.60
C LEU A 43 31.83 -6.44 -17.93
N GLU A 44 32.75 -6.05 -17.02
CA GLU A 44 33.61 -4.89 -17.23
C GLU A 44 34.75 -5.15 -18.22
N LYS A 45 35.02 -6.43 -18.53
CA LYS A 45 36.04 -6.85 -19.50
C LYS A 45 35.38 -7.10 -20.86
N THR A 46 34.08 -7.46 -20.85
CA THR A 46 33.28 -7.75 -22.05
C THR A 46 32.67 -6.49 -22.67
N SER A 47 31.93 -5.68 -21.87
CA SER A 47 31.25 -4.48 -22.35
C SER A 47 31.58 -3.17 -21.57
N GLY A 48 32.68 -3.19 -20.81
CA GLY A 48 33.14 -2.04 -20.03
C GLY A 48 32.30 -1.72 -18.82
N HIS A 49 32.54 -0.53 -18.22
CA HIS A 49 31.85 -0.06 -17.02
C HIS A 49 30.46 0.49 -17.35
N ASP A 50 30.35 1.39 -18.35
CA ASP A 50 29.09 1.99 -18.76
C ASP A 50 28.25 1.05 -19.65
N HIS A 51 27.59 0.07 -19.01
CA HIS A 51 26.75 -0.94 -19.63
C HIS A 51 25.55 -1.26 -18.70
N PRO A 52 24.32 -1.48 -19.22
CA PRO A 52 23.17 -1.74 -18.33
C PRO A 52 23.30 -2.94 -17.38
N ASP A 53 23.95 -4.03 -17.84
CA ASP A 53 24.13 -5.25 -17.02
C ASP A 53 25.07 -5.04 -15.84
N VAL A 54 26.01 -4.07 -15.95
CA VAL A 54 26.94 -3.68 -14.88
C VAL A 54 26.13 -2.99 -13.78
N ALA A 55 25.27 -2.02 -14.17
CA ALA A 55 24.39 -1.27 -13.27
C ALA A 55 23.37 -2.17 -12.56
N THR A 56 22.89 -3.24 -13.23
CA THR A 56 21.95 -4.23 -12.70
C THR A 56 22.62 -5.00 -11.55
N MET A 57 23.87 -5.46 -11.78
CA MET A 57 24.66 -6.21 -10.80
C MET A 57 25.12 -5.33 -9.65
N LEU A 58 25.43 -4.04 -9.93
CA LEU A 58 25.82 -3.07 -8.91
C LEU A 58 24.64 -2.80 -7.98
N ASN A 59 23.43 -2.74 -8.56
CA ASN A 59 22.16 -2.50 -7.86
C ASN A 59 21.83 -3.66 -6.91
N ILE A 60 21.88 -4.92 -7.38
CA ILE A 60 21.61 -6.12 -6.58
C ILE A 60 22.64 -6.27 -5.45
N LEU A 61 23.95 -6.07 -5.75
CA LEU A 61 25.02 -6.17 -4.75
C LEU A 61 24.88 -5.09 -3.67
N ALA A 62 24.43 -3.87 -4.06
CA ALA A 62 24.19 -2.76 -3.13
C ALA A 62 23.11 -3.16 -2.12
N LEU A 63 22.04 -3.83 -2.58
CA LEU A 63 20.95 -4.32 -1.73
C LEU A 63 21.43 -5.43 -0.80
N VAL A 64 22.43 -6.22 -1.25
CA VAL A 64 23.05 -7.28 -0.46
C VAL A 64 23.90 -6.63 0.65
N TYR A 65 24.62 -5.53 0.31
CA TYR A 65 25.43 -4.76 1.25
C TYR A 65 24.58 -4.06 2.30
N ARG A 66 23.44 -3.48 1.89
CA ARG A 66 22.49 -2.80 2.78
C ARG A 66 21.98 -3.78 3.84
N ASP A 67 21.66 -5.03 3.43
CA ASP A 67 21.19 -6.11 4.32
C ASP A 67 22.28 -6.57 5.29
N GLN A 68 23.56 -6.27 4.98
CA GLN A 68 24.75 -6.57 5.80
C GLN A 68 25.16 -5.35 6.63
N ASN A 69 24.35 -4.26 6.57
CA ASN A 69 24.55 -2.97 7.23
C ASN A 69 25.74 -2.17 6.65
N LYS A 70 26.25 -2.59 5.47
CA LYS A 70 27.33 -1.92 4.74
C LYS A 70 26.71 -0.82 3.86
N TYR A 71 26.15 0.21 4.52
CA TYR A 71 25.44 1.33 3.90
C TYR A 71 26.32 2.24 3.06
N LYS A 72 27.59 2.47 3.48
CA LYS A 72 28.58 3.27 2.75
C LYS A 72 28.79 2.65 1.36
N ASP A 73 29.04 1.32 1.32
CA ASP A 73 29.23 0.52 0.11
C ASP A 73 27.97 0.51 -0.73
N ALA A 74 26.81 0.27 -0.08
CA ALA A 74 25.51 0.24 -0.74
C ALA A 74 25.21 1.55 -1.49
N ALA A 75 25.48 2.72 -0.84
CA ALA A 75 25.30 4.06 -1.42
C ALA A 75 26.23 4.30 -2.60
N ASN A 76 27.51 3.87 -2.48
CA ASN A 76 28.51 4.02 -3.53
C ASN A 76 28.12 3.29 -4.82
N LEU A 77 27.72 2.01 -4.70
CA LEU A 77 27.29 1.19 -5.84
C LEU A 77 26.00 1.72 -6.47
N LEU A 78 25.02 2.13 -5.64
CA LEU A 78 23.74 2.67 -6.12
C LEU A 78 23.91 3.95 -6.92
N ASN A 79 24.75 4.88 -6.44
CA ASN A 79 25.07 6.15 -7.12
C ASN A 79 25.78 5.90 -8.44
N ASP A 80 26.63 4.86 -8.49
CA ASP A 80 27.35 4.44 -9.67
C ASP A 80 26.38 3.83 -10.69
N ALA A 81 25.51 2.90 -10.23
CA ALA A 81 24.47 2.24 -11.03
C ALA A 81 23.50 3.26 -11.62
N LEU A 82 23.20 4.35 -10.86
CA LEU A 82 22.33 5.45 -11.28
C LEU A 82 22.90 6.21 -12.46
N ALA A 83 24.19 6.62 -12.39
CA ALA A 83 24.89 7.34 -13.45
C ALA A 83 24.98 6.50 -14.73
N ILE A 84 25.22 5.17 -14.58
CA ILE A 84 25.30 4.22 -15.69
C ILE A 84 23.93 4.09 -16.36
N ARG A 85 22.86 3.84 -15.56
CA ARG A 85 21.49 3.68 -16.07
C ARG A 85 20.97 4.94 -16.77
N GLU A 86 21.32 6.14 -16.26
CA GLU A 86 20.93 7.42 -16.87
C GLU A 86 21.56 7.60 -18.26
N LYS A 87 22.80 7.11 -18.43
CA LYS A 87 23.56 7.16 -19.69
C LYS A 87 23.10 6.07 -20.67
N THR A 88 23.17 4.79 -20.24
CA THR A 88 22.89 3.60 -21.03
C THR A 88 21.42 3.33 -21.34
N LEU A 89 20.49 3.85 -20.52
CA LEU A 89 19.05 3.61 -20.73
C LEU A 89 18.20 4.87 -20.92
N GLY A 90 18.62 5.98 -20.30
CA GLY A 90 17.91 7.26 -20.38
C GLY A 90 17.44 7.76 -19.04
N ARG A 91 17.32 9.08 -18.89
CA ARG A 91 16.91 9.76 -17.66
C ARG A 91 15.49 9.43 -17.17
N ASP A 92 14.60 9.07 -18.10
CA ASP A 92 13.20 8.73 -17.82
C ASP A 92 12.93 7.21 -17.92
N HIS A 93 13.98 6.38 -17.86
CA HIS A 93 13.83 4.92 -17.94
C HIS A 93 13.34 4.35 -16.61
N PRO A 94 12.41 3.36 -16.60
CA PRO A 94 11.93 2.80 -15.31
C PRO A 94 13.01 2.18 -14.41
N ALA A 95 14.16 1.77 -15.00
CA ALA A 95 15.30 1.19 -14.27
C ALA A 95 16.04 2.27 -13.46
N VAL A 96 15.97 3.54 -13.93
CA VAL A 96 16.56 4.70 -13.26
C VAL A 96 15.73 4.96 -12.00
N ALA A 97 14.38 4.92 -12.13
CA ALA A 97 13.41 5.09 -11.06
C ALA A 97 13.56 4.00 -9.99
N ALA A 98 13.95 2.77 -10.39
CA ALA A 98 14.18 1.64 -9.47
C ALA A 98 15.42 1.90 -8.61
N THR A 99 16.48 2.49 -9.20
CA THR A 99 17.73 2.83 -8.53
C THR A 99 17.53 4.07 -7.64
N LEU A 100 16.78 5.09 -8.14
CA LEU A 100 16.44 6.31 -7.39
C LEU A 100 15.71 5.93 -6.11
N ASN A 101 14.78 4.95 -6.24
CA ASN A 101 13.98 4.39 -5.16
C ASN A 101 14.87 3.68 -4.13
N ASN A 102 15.81 2.85 -4.60
CA ASN A 102 16.76 2.13 -3.74
C ASN A 102 17.66 3.11 -2.97
N LEU A 103 18.01 4.27 -3.58
CA LEU A 103 18.79 5.33 -2.91
C LEU A 103 17.94 6.02 -1.85
N ALA A 104 16.68 6.34 -2.18
CA ALA A 104 15.71 6.97 -1.27
C ALA A 104 15.45 6.07 -0.05
N VAL A 105 15.24 4.75 -0.28
CA VAL A 105 15.01 3.74 0.75
C VAL A 105 16.24 3.64 1.67
N LEU A 106 17.46 3.71 1.07
CA LEU A 106 18.71 3.65 1.80
C LEU A 106 18.85 4.84 2.74
N TYR A 107 18.59 6.07 2.23
CA TYR A 107 18.65 7.30 3.01
C TYR A 107 17.57 7.28 4.11
N GLY A 108 16.38 6.77 3.76
CA GLY A 108 15.25 6.63 4.65
C GLY A 108 15.53 5.69 5.81
N LYS A 109 16.19 4.56 5.53
CA LYS A 109 16.59 3.57 6.53
C LYS A 109 17.67 4.10 7.47
N ARG A 110 18.34 5.21 7.09
CA ARG A 110 19.39 5.86 7.88
C ARG A 110 18.95 7.17 8.55
N GLY A 111 17.67 7.54 8.38
CA GLY A 111 17.07 8.73 8.99
C GLY A 111 17.18 10.01 8.17
N LYS A 112 17.78 9.94 6.97
CA LYS A 112 17.95 11.08 6.08
C LYS A 112 16.70 11.25 5.20
N TYR A 113 15.56 11.54 5.83
CA TYR A 113 14.25 11.66 5.19
C TYR A 113 14.13 12.84 4.24
N LYS A 114 14.75 13.99 4.59
CA LYS A 114 14.77 15.21 3.78
C LYS A 114 15.52 14.97 2.46
N GLU A 115 16.68 14.30 2.52
CA GLU A 115 17.52 13.96 1.35
C GLU A 115 16.87 12.88 0.49
N ALA A 116 16.12 11.95 1.12
CA ALA A 116 15.45 10.83 0.46
C ALA A 116 14.19 11.24 -0.32
N GLU A 117 13.43 12.23 0.18
CA GLU A 117 12.19 12.71 -0.42
C GLU A 117 12.31 13.14 -1.91
N PRO A 118 13.29 13.99 -2.36
CA PRO A 118 13.35 14.36 -3.79
C PRO A 118 13.64 13.20 -4.74
N LEU A 119 14.44 12.21 -4.29
CA LEU A 119 14.79 11.02 -5.06
C LEU A 119 13.52 10.17 -5.26
N CYS A 120 12.71 10.06 -4.21
CA CYS A 120 11.46 9.32 -4.21
C CYS A 120 10.45 9.96 -5.14
N LYS A 121 10.36 11.31 -5.12
CA LYS A 121 9.46 12.09 -5.96
C LYS A 121 9.83 11.97 -7.44
N ARG A 122 11.14 11.95 -7.76
CA ARG A 122 11.64 11.80 -9.13
C ARG A 122 11.26 10.42 -9.67
N ALA A 123 11.47 9.35 -8.86
CA ALA A 123 11.13 7.97 -9.17
C ALA A 123 9.62 7.80 -9.42
N LEU A 124 8.78 8.48 -8.61
CA LEU A 124 7.32 8.47 -8.74
C LEU A 124 6.88 9.13 -10.05
N GLU A 125 7.45 10.33 -10.35
CA GLU A 125 7.17 11.10 -11.56
C GLU A 125 7.49 10.29 -12.83
N ILE A 126 8.65 9.58 -12.83
CA ILE A 126 9.07 8.73 -13.96
C ILE A 126 8.10 7.56 -14.12
N ARG A 127 7.80 6.85 -13.03
CA ARG A 127 6.91 5.69 -13.04
C ARG A 127 5.45 6.04 -13.41
N GLU A 128 4.97 7.23 -13.06
CA GLU A 128 3.61 7.68 -13.40
C GLU A 128 3.53 8.01 -14.90
N LYS A 129 4.53 8.73 -15.42
CA LYS A 129 4.64 9.16 -16.81
C LYS A 129 4.81 8.00 -17.79
N VAL A 130 5.71 7.04 -17.46
CA VAL A 130 6.07 5.90 -18.30
C VAL A 130 5.11 4.69 -18.15
N LEU A 131 4.84 4.26 -16.90
CA LEU A 131 4.00 3.08 -16.65
C LEU A 131 2.50 3.35 -16.47
N GLY A 132 2.14 4.60 -16.20
CA GLY A 132 0.76 4.98 -15.94
C GLY A 132 0.48 5.03 -14.46
N LYS A 133 -0.48 5.88 -14.04
CA LYS A 133 -0.87 6.10 -12.64
C LYS A 133 -1.48 4.87 -11.93
N ASP A 134 -1.75 3.79 -12.68
CA ASP A 134 -2.40 2.55 -12.26
C ASP A 134 -1.45 1.35 -11.98
N HIS A 135 -0.17 1.46 -12.37
CA HIS A 135 0.83 0.39 -12.26
C HIS A 135 1.26 0.04 -10.82
N PRO A 136 1.50 -1.27 -10.47
CA PRO A 136 1.96 -1.62 -9.11
C PRO A 136 3.25 -0.94 -8.66
N ASP A 137 4.14 -0.54 -9.59
CA ASP A 137 5.39 0.16 -9.29
C ASP A 137 5.16 1.61 -8.81
N VAL A 138 3.98 2.18 -9.13
CA VAL A 138 3.56 3.50 -8.69
C VAL A 138 3.13 3.37 -7.21
N ALA A 139 2.38 2.29 -6.87
CA ALA A 139 1.94 1.96 -5.51
C ALA A 139 3.15 1.75 -4.60
N LYS A 140 4.24 1.18 -5.15
CA LYS A 140 5.53 0.93 -4.50
C LYS A 140 6.13 2.26 -4.07
N GLN A 141 6.16 3.24 -4.98
CA GLN A 141 6.72 4.56 -4.74
C GLN A 141 5.89 5.41 -3.81
N LEU A 142 4.53 5.36 -3.95
CA LEU A 142 3.60 6.10 -3.10
C LEU A 142 3.76 5.64 -1.64
N ASN A 143 3.88 4.32 -1.43
CA ASN A 143 4.10 3.70 -0.12
C ASN A 143 5.42 4.21 0.50
N ASN A 144 6.51 4.24 -0.29
CA ASN A 144 7.80 4.70 0.18
C ASN A 144 7.80 6.19 0.47
N LEU A 145 7.14 6.99 -0.39
CA LEU A 145 6.97 8.43 -0.21
C LEU A 145 6.22 8.74 1.09
N ALA A 146 5.09 8.04 1.34
CA ALA A 146 4.29 8.23 2.56
C ALA A 146 5.11 7.91 3.82
N LEU A 147 5.95 6.88 3.75
CA LEU A 147 6.87 6.42 4.81
C LEU A 147 7.89 7.52 5.14
N LEU A 148 8.51 8.13 4.10
CA LEU A 148 9.50 9.20 4.22
C LEU A 148 8.89 10.50 4.73
N CYS A 149 7.61 10.74 4.38
CA CYS A 149 6.84 11.91 4.81
C CYS A 149 6.40 11.82 6.26
N GLN A 150 5.85 10.67 6.70
CA GLN A 150 5.38 10.48 8.08
C GLN A 150 6.50 10.53 9.12
N ASN A 151 7.69 10.01 8.76
CA ASN A 151 8.85 10.00 9.63
C ASN A 151 9.46 11.40 9.82
N GLN A 152 8.95 12.38 9.04
CA GLN A 152 9.30 13.80 9.10
C GLN A 152 8.22 14.58 9.87
N GLY A 153 7.06 13.96 10.07
CA GLY A 153 5.91 14.57 10.74
C GLY A 153 5.00 15.31 9.78
N LYS A 154 5.22 15.10 8.45
CA LYS A 154 4.43 15.69 7.38
C LYS A 154 3.33 14.69 7.07
N TYR A 155 2.14 14.85 7.69
CA TYR A 155 1.04 13.89 7.51
C TYR A 155 0.04 14.27 6.41
N GLU A 156 0.08 15.53 5.93
CA GLU A 156 -0.78 16.16 4.93
C GLU A 156 -1.40 15.21 3.85
N GLU A 157 -0.55 14.54 3.06
CA GLU A 157 -0.99 13.66 1.95
C GLU A 157 -0.69 12.16 2.18
N VAL A 158 -0.11 11.81 3.34
CA VAL A 158 0.34 10.47 3.69
C VAL A 158 -0.76 9.41 3.60
N GLU A 159 -1.90 9.63 4.26
CA GLU A 159 -3.03 8.69 4.22
C GLU A 159 -3.61 8.56 2.82
N TYR A 160 -3.62 9.67 2.03
CA TYR A 160 -4.05 9.66 0.63
C TYR A 160 -3.16 8.73 -0.21
N TYR A 161 -1.81 8.79 -0.03
CA TYR A 161 -0.86 7.94 -0.76
C TYR A 161 -1.09 6.47 -0.45
N TYR A 162 -1.34 6.15 0.83
CA TYR A 162 -1.60 4.79 1.31
C TYR A 162 -2.84 4.18 0.69
N GLN A 163 -3.98 4.87 0.77
CA GLN A 163 -5.24 4.41 0.17
C GLN A 163 -5.14 4.36 -1.36
N ARG A 164 -4.28 5.20 -1.97
CA ARG A 164 -4.05 5.16 -3.41
C ARG A 164 -3.23 3.90 -3.78
N ALA A 165 -2.16 3.62 -3.02
CA ALA A 165 -1.27 2.47 -3.23
C ALA A 165 -2.00 1.14 -2.94
N LEU A 166 -2.88 1.15 -1.93
CA LEU A 166 -3.67 0.00 -1.52
C LEU A 166 -4.63 -0.42 -2.63
N GLY A 167 -5.30 0.56 -3.24
CA GLY A 167 -6.21 0.35 -4.35
C GLY A 167 -5.53 -0.30 -5.53
N ILE A 168 -4.35 0.22 -5.91
CA ILE A 168 -3.53 -0.31 -7.01
C ILE A 168 -3.11 -1.77 -6.74
N TYR A 169 -2.59 -2.04 -5.53
CA TYR A 169 -2.09 -3.34 -5.11
C TYR A 169 -3.17 -4.44 -5.04
N GLN A 170 -4.34 -4.16 -4.46
CA GLN A 170 -5.42 -5.14 -4.37
C GLN A 170 -6.05 -5.43 -5.75
N THR A 171 -6.02 -4.44 -6.66
CA THR A 171 -6.59 -4.52 -8.01
C THR A 171 -5.67 -5.26 -8.98
N LYS A 172 -4.42 -4.80 -9.12
CA LYS A 172 -3.41 -5.39 -10.01
C LYS A 172 -2.95 -6.77 -9.55
N LEU A 173 -2.61 -6.88 -8.26
CA LEU A 173 -2.22 -8.15 -7.62
C LEU A 173 -3.42 -8.54 -6.77
N GLY A 174 -3.28 -9.50 -5.85
CA GLY A 174 -4.42 -9.90 -5.03
C GLY A 174 -4.49 -9.19 -3.69
N PRO A 175 -5.62 -9.29 -2.94
CA PRO A 175 -5.65 -8.69 -1.59
C PRO A 175 -4.81 -9.51 -0.58
N ASP A 176 -4.34 -10.69 -1.01
CA ASP A 176 -3.49 -11.63 -0.24
C ASP A 176 -2.00 -11.44 -0.56
N ASP A 177 -1.67 -10.63 -1.60
CA ASP A 177 -0.31 -10.32 -2.03
C ASP A 177 0.49 -9.67 -0.88
N PRO A 178 1.77 -10.06 -0.66
CA PRO A 178 2.55 -9.49 0.46
C PRO A 178 2.67 -7.96 0.51
N ASN A 179 2.63 -7.28 -0.66
CA ASN A 179 2.69 -5.81 -0.75
C ASN A 179 1.48 -5.12 -0.12
N VAL A 180 0.31 -5.78 -0.14
CA VAL A 180 -0.94 -5.28 0.43
C VAL A 180 -0.81 -5.19 1.97
N ALA A 181 -0.38 -6.30 2.62
CA ALA A 181 -0.17 -6.40 4.05
C ALA A 181 0.93 -5.43 4.55
N LYS A 182 1.99 -5.23 3.72
CA LYS A 182 3.10 -4.33 4.02
C LYS A 182 2.64 -2.86 4.02
N THR A 183 1.90 -2.46 2.97
CA THR A 183 1.34 -1.11 2.84
C THR A 183 0.34 -0.82 3.96
N LYS A 184 -0.49 -1.83 4.33
CA LYS A 184 -1.46 -1.74 5.42
C LYS A 184 -0.76 -1.55 6.76
N ASN A 185 0.33 -2.31 7.02
CA ASN A 185 1.13 -2.18 8.25
C ASN A 185 1.77 -0.80 8.35
N ASN A 186 2.21 -0.24 7.20
CA ASN A 186 2.80 1.09 7.12
C ASN A 186 1.80 2.19 7.45
N LEU A 187 0.54 2.06 6.94
CA LEU A 187 -0.56 2.98 7.21
C LEU A 187 -0.96 2.88 8.68
N ALA A 188 -0.97 1.66 9.26
CA ALA A 188 -1.27 1.46 10.67
C ALA A 188 -0.19 2.10 11.56
N SER A 189 1.08 2.12 11.10
CA SER A 189 2.21 2.77 11.80
C SER A 189 2.02 4.28 11.71
N CYS A 190 1.49 4.77 10.57
CA CYS A 190 1.16 6.17 10.34
C CYS A 190 0.08 6.61 11.35
N TYR A 191 -0.93 5.74 11.57
CA TYR A 191 -2.01 5.99 12.54
C TYR A 191 -1.43 6.07 13.96
N LEU A 192 -0.48 5.17 14.31
CA LEU A 192 0.15 5.12 15.63
C LEU A 192 0.92 6.40 15.96
N LYS A 193 1.68 6.95 14.98
CA LYS A 193 2.47 8.18 15.10
C LYS A 193 1.57 9.40 15.32
N GLN A 194 0.31 9.32 14.86
CA GLN A 194 -0.70 10.37 14.95
C GLN A 194 -1.64 10.19 16.14
N GLY A 195 -1.45 9.11 16.90
CA GLY A 195 -2.28 8.81 18.07
C GLY A 195 -3.66 8.29 17.72
N LYS A 196 -3.84 7.81 16.47
CA LYS A 196 -5.08 7.24 15.95
C LYS A 196 -5.12 5.73 16.28
N PHE A 197 -5.15 5.42 17.59
CA PHE A 197 -5.09 4.06 18.12
C PHE A 197 -6.25 3.16 17.68
N LYS A 198 -7.47 3.71 17.53
CA LYS A 198 -8.64 2.95 17.10
C LYS A 198 -8.56 2.54 15.63
N GLN A 199 -8.09 3.47 14.76
CA GLN A 199 -7.91 3.20 13.33
C GLN A 199 -6.78 2.18 13.08
N ALA A 200 -5.70 2.23 13.90
CA ALA A 200 -4.59 1.28 13.82
C ALA A 200 -5.10 -0.12 14.23
N GLU A 201 -5.94 -0.16 15.30
CA GLU A 201 -6.59 -1.37 15.81
C GLU A 201 -7.44 -2.01 14.70
N THR A 202 -8.26 -1.18 14.01
CA THR A 202 -9.13 -1.57 12.88
C THR A 202 -8.31 -2.20 11.74
N LEU A 203 -7.19 -1.54 11.35
CA LEU A 203 -6.33 -2.02 10.28
C LEU A 203 -5.59 -3.32 10.61
N TYR A 204 -5.09 -3.46 11.85
CA TYR A 204 -4.41 -4.68 12.30
C TYR A 204 -5.37 -5.85 12.36
N LYS A 205 -6.63 -5.60 12.75
CA LYS A 205 -7.70 -6.60 12.80
C LYS A 205 -8.02 -7.09 11.39
N GLU A 206 -8.05 -6.17 10.41
CA GLU A 206 -8.31 -6.45 8.99
C GLU A 206 -7.27 -7.40 8.39
N ILE A 207 -5.97 -7.16 8.68
CA ILE A 207 -4.83 -7.96 8.21
C ILE A 207 -4.95 -9.40 8.74
N LEU A 208 -5.25 -9.52 10.05
CA LEU A 208 -5.41 -10.80 10.75
C LEU A 208 -6.67 -11.54 10.30
N THR A 209 -7.74 -10.82 9.94
CA THR A 209 -8.99 -11.39 9.44
C THR A 209 -8.74 -12.00 8.07
N ARG A 210 -8.05 -11.26 7.18
CA ARG A 210 -7.69 -11.69 5.83
C ARG A 210 -6.76 -12.92 5.88
N ALA A 211 -5.82 -12.93 6.85
CA ALA A 211 -4.88 -14.04 7.05
C ALA A 211 -5.61 -15.29 7.59
N HIS A 212 -6.63 -15.07 8.46
CA HIS A 212 -7.47 -16.13 9.03
C HIS A 212 -8.39 -16.72 7.96
N GLU A 213 -8.98 -15.86 7.11
CA GLU A 213 -9.90 -16.26 6.04
C GLU A 213 -9.21 -17.04 4.92
N ARG A 214 -7.94 -16.69 4.62
CA ARG A 214 -7.13 -17.34 3.60
C ARG A 214 -6.79 -18.79 3.99
N GLU A 215 -6.60 -19.05 5.29
CA GLU A 215 -6.24 -20.36 5.85
C GLU A 215 -7.41 -21.18 6.40
N PHE A 216 -8.10 -20.68 7.46
CA PHE A 216 -9.18 -21.40 8.14
C PHE A 216 -10.59 -21.16 7.56
N GLY A 217 -10.72 -20.26 6.58
CA GLY A 217 -11.99 -19.97 5.93
C GLY A 217 -12.74 -18.76 6.46
N SER A 218 -13.94 -18.51 5.90
CA SER A 218 -14.84 -17.40 6.24
C SER A 218 -15.25 -17.38 7.72
N VAL A 219 -15.35 -16.18 8.30
CA VAL A 219 -15.67 -15.95 9.71
C VAL A 219 -17.15 -16.24 10.05
N ASP A 220 -17.36 -17.06 11.10
CA ASP A 220 -18.65 -17.45 11.68
C ASP A 220 -18.45 -17.73 13.19
N ASP A 221 -19.46 -18.28 13.90
CA ASP A 221 -19.37 -18.58 15.33
C ASP A 221 -18.35 -19.69 15.64
N GLU A 222 -18.34 -20.78 14.83
CA GLU A 222 -17.43 -21.93 14.98
C GLU A 222 -16.02 -21.68 14.37
N ASN A 223 -15.81 -20.50 13.75
CA ASN A 223 -14.53 -20.12 13.14
C ASN A 223 -14.29 -18.61 13.22
N LYS A 224 -13.63 -18.17 14.30
CA LYS A 224 -13.34 -16.75 14.57
C LYS A 224 -11.84 -16.42 14.47
N PRO A 225 -11.44 -15.19 14.01
CA PRO A 225 -10.01 -14.85 13.98
C PRO A 225 -9.45 -14.71 15.40
N ILE A 226 -8.10 -14.75 15.54
CA ILE A 226 -7.40 -14.68 16.82
C ILE A 226 -7.87 -13.52 17.71
N TRP A 227 -7.99 -12.29 17.13
CA TRP A 227 -8.43 -11.08 17.84
C TRP A 227 -9.84 -11.19 18.44
N MET A 228 -10.74 -11.98 17.81
CA MET A 228 -12.10 -12.20 18.29
C MET A 228 -12.09 -13.04 19.57
N HIS A 229 -11.25 -14.10 19.60
CA HIS A 229 -11.09 -14.98 20.76
C HIS A 229 -10.44 -14.25 21.93
N ALA A 230 -9.55 -13.28 21.61
CA ALA A 230 -8.84 -12.44 22.58
C ALA A 230 -9.82 -11.55 23.36
N GLU A 231 -10.79 -10.93 22.65
CA GLU A 231 -11.82 -10.06 23.24
C GLU A 231 -12.84 -10.85 24.07
N GLU A 232 -13.03 -12.15 23.77
CA GLU A 232 -13.93 -13.05 24.49
C GLU A 232 -13.37 -13.33 25.89
N ARG A 233 -12.05 -13.64 25.97
CA ARG A 233 -11.32 -13.93 27.20
C ARG A 233 -11.26 -12.72 28.14
N GLU A 234 -11.17 -11.51 27.56
CA GLU A 234 -11.12 -10.23 28.29
C GLU A 234 -12.46 -9.93 28.98
N GLU A 235 -13.59 -10.27 28.32
CA GLU A 235 -14.96 -10.08 28.81
C GLU A 235 -15.23 -10.96 30.05
N CYS A 236 -14.55 -12.12 30.14
CA CYS A 236 -14.66 -13.08 31.24
C CYS A 236 -13.56 -12.85 32.26
N SER A 260 3.47 -15.59 6.93
CA SER A 260 4.00 -14.27 6.57
C SER A 260 4.68 -13.58 7.77
N PRO A 261 5.86 -12.93 7.57
CA PRO A 261 6.54 -12.27 8.72
C PRO A 261 5.87 -10.98 9.19
N THR A 262 5.06 -10.34 8.31
CA THR A 262 4.32 -9.09 8.59
C THR A 262 3.24 -9.31 9.65
N VAL A 263 2.65 -10.52 9.67
CA VAL A 263 1.60 -10.95 10.59
C VAL A 263 2.12 -11.01 12.05
N THR A 264 3.40 -11.39 12.24
CA THR A 264 4.03 -11.46 13.57
C THR A 264 4.10 -10.06 14.19
N THR A 265 4.47 -9.04 13.39
CA THR A 265 4.52 -7.64 13.85
C THR A 265 3.10 -7.08 14.00
N THR A 266 2.10 -7.64 13.26
CA THR A 266 0.69 -7.27 13.34
C THR A 266 0.13 -7.81 14.67
N LEU A 267 0.48 -9.08 15.02
CA LEU A 267 0.08 -9.77 16.26
C LEU A 267 0.68 -9.07 17.47
N LYS A 268 1.95 -8.63 17.38
CA LYS A 268 2.64 -7.92 18.46
C LYS A 268 2.08 -6.51 18.66
N ASN A 269 1.89 -5.73 17.56
CA ASN A 269 1.38 -4.36 17.60
C ASN A 269 -0.07 -4.26 18.09
N LEU A 270 -0.93 -5.25 17.74
CA LEU A 270 -2.31 -5.28 18.21
C LEU A 270 -2.35 -5.71 19.69
N GLY A 271 -1.40 -6.56 20.09
CA GLY A 271 -1.22 -7.01 21.47
C GLY A 271 -0.85 -5.85 22.37
N ALA A 272 0.05 -4.98 21.88
CA ALA A 272 0.49 -3.76 22.57
C ALA A 272 -0.66 -2.75 22.69
N LEU A 273 -1.55 -2.67 21.67
CA LEU A 273 -2.72 -1.79 21.66
C LEU A 273 -3.73 -2.21 22.73
N TYR A 274 -3.90 -3.52 22.95
CA TYR A 274 -4.79 -4.07 23.98
C TYR A 274 -4.23 -3.74 25.38
N ARG A 275 -2.90 -3.87 25.56
CA ARG A 275 -2.17 -3.58 26.80
C ARG A 275 -2.37 -2.11 27.23
N ARG A 276 -2.35 -1.19 26.26
CA ARG A 276 -2.54 0.25 26.42
C ARG A 276 -3.97 0.53 26.95
N GLN A 277 -4.95 -0.23 26.43
CA GLN A 277 -6.38 -0.14 26.80
C GLN A 277 -6.66 -0.80 28.16
N GLY A 278 -5.66 -1.52 28.69
CA GLY A 278 -5.77 -2.25 29.96
C GLY A 278 -6.40 -3.62 29.77
N LYS A 279 -6.48 -4.09 28.50
CA LYS A 279 -7.05 -5.38 28.11
C LYS A 279 -5.93 -6.43 28.02
N PHE A 280 -5.41 -6.82 29.20
CA PHE A 280 -4.29 -7.75 29.39
C PHE A 280 -4.57 -9.19 28.95
N GLU A 281 -5.79 -9.71 29.18
CA GLU A 281 -6.16 -11.07 28.78
C GLU A 281 -6.27 -11.20 27.25
N ALA A 282 -6.59 -10.08 26.57
CA ALA A 282 -6.65 -10.01 25.11
C ALA A 282 -5.25 -9.91 24.53
N ALA A 283 -4.34 -9.21 25.27
CA ALA A 283 -2.94 -9.02 24.91
C ALA A 283 -2.15 -10.32 25.00
N GLU A 284 -2.45 -11.16 26.01
CA GLU A 284 -1.82 -12.45 26.25
C GLU A 284 -2.13 -13.44 25.12
N THR A 285 -3.40 -13.46 24.66
CA THR A 285 -3.91 -14.33 23.58
C THR A 285 -3.13 -14.10 22.27
N LEU A 286 -2.77 -12.82 21.97
CA LEU A 286 -2.03 -12.48 20.76
C LEU A 286 -0.55 -12.79 20.87
N GLU A 287 0.05 -12.58 22.08
CA GLU A 287 1.46 -12.88 22.37
C GLU A 287 1.71 -14.39 22.27
N GLU A 288 0.72 -15.20 22.71
CA GLU A 288 0.73 -16.67 22.66
C GLU A 288 0.71 -17.12 21.20
N ALA A 289 -0.06 -16.42 20.35
CA ALA A 289 -0.20 -16.68 18.92
C ALA A 289 1.04 -16.22 18.13
N ALA A 290 1.69 -15.12 18.56
CA ALA A 290 2.89 -14.56 17.93
C ALA A 290 4.12 -15.46 18.17
N MET A 291 4.15 -16.17 19.31
CA MET A 291 5.19 -17.11 19.71
C MET A 291 5.09 -18.40 18.88
N ARG A 292 3.86 -18.95 18.76
CA ARG A 292 3.54 -20.17 18.01
C ARG A 292 3.78 -19.99 16.50
N SER A 293 3.40 -18.82 15.95
CA SER A 293 3.55 -18.49 14.52
C SER A 293 4.98 -18.17 14.09
N ARG A 294 5.87 -17.80 15.03
CA ARG A 294 7.26 -17.50 14.71
C ARG A 294 8.10 -18.77 14.64
N LYS A 295 8.20 -19.52 15.77
CA LYS A 295 8.94 -20.78 15.90
C LYS A 295 8.48 -21.55 17.14
N VAL A 328 7.54 0.20 23.40
CA VAL A 328 6.11 0.48 23.27
C VAL A 328 5.53 -0.39 22.13
N PHE A 329 5.66 0.07 20.87
CA PHE A 329 5.21 -0.64 19.67
C PHE A 329 6.41 -1.10 18.84
N THR A 330 6.21 -2.12 17.97
CA THR A 330 7.27 -2.63 17.12
C THR A 330 7.46 -1.70 15.91
N LYS A 331 8.51 -0.84 15.97
CA LYS A 331 8.83 0.11 14.91
C LYS A 331 9.62 -0.58 13.80
N LEU A 332 8.92 -0.97 12.71
CA LEU A 332 9.48 -1.63 11.54
C LEU A 332 8.75 -1.16 10.29
N ASP A 333 9.38 -0.22 9.55
CA ASP A 333 8.83 0.34 8.32
C ASP A 333 9.13 -0.56 7.15
N TYR A 334 8.09 -0.94 6.38
CA TYR A 334 8.25 -1.80 5.22
C TYR A 334 8.46 -1.03 3.94
N TYR A 335 9.73 -0.81 3.57
CA TYR A 335 10.10 -0.14 2.33
C TYR A 335 10.10 -1.21 1.24
N LEU A 336 9.62 -0.87 0.05
CA LEU A 336 9.54 -1.79 -1.07
C LEU A 336 10.66 -1.49 -2.05
N ASP A 337 11.54 -2.47 -2.28
CA ASP A 337 12.75 -2.35 -3.12
C ASP A 337 12.49 -2.32 -4.61
N ASP A 338 13.46 -1.74 -5.37
CA ASP A 338 13.51 -1.61 -6.83
C ASP A 338 12.25 -0.94 -7.41
N VAL B 2 -14.46 -9.52 -12.29
CA VAL B 2 -14.97 -8.49 -11.38
C VAL B 2 -16.12 -7.75 -12.05
N GLN B 3 -17.29 -7.71 -11.38
CA GLN B 3 -18.50 -7.05 -11.87
C GLN B 3 -19.08 -6.04 -10.88
N LEU B 4 -19.05 -4.75 -11.26
CA LEU B 4 -19.59 -3.64 -10.47
C LEU B 4 -20.68 -2.92 -11.26
N GLN B 5 -21.84 -2.71 -10.65
CA GLN B 5 -22.98 -2.05 -11.28
C GLN B 5 -23.50 -0.92 -10.39
N GLU B 6 -23.45 0.33 -10.89
CA GLU B 6 -23.92 1.51 -10.15
C GLU B 6 -25.37 1.84 -10.43
N SER B 7 -26.05 2.45 -9.44
CA SER B 7 -27.44 2.92 -9.49
C SER B 7 -27.65 4.00 -8.42
N GLY B 8 -28.78 4.71 -8.49
CA GLY B 8 -29.11 5.74 -7.51
C GLY B 8 -28.95 7.17 -7.96
N GLY B 9 -28.55 7.37 -9.20
CA GLY B 9 -28.40 8.71 -9.75
C GLY B 9 -29.73 9.33 -10.12
N GLY B 10 -29.72 10.65 -10.32
CA GLY B 10 -30.91 11.39 -10.68
C GLY B 10 -30.76 12.90 -10.64
N LEU B 11 -31.88 13.61 -10.89
CA LEU B 11 -31.92 15.06 -10.90
C LEU B 11 -32.54 15.58 -9.61
N VAL B 12 -31.77 16.42 -8.90
CA VAL B 12 -32.16 17.07 -7.65
C VAL B 12 -31.83 18.56 -7.74
N GLN B 13 -32.34 19.34 -6.79
CA GLN B 13 -32.09 20.78 -6.68
C GLN B 13 -30.93 21.00 -5.68
N PRO B 14 -30.21 22.14 -5.72
CA PRO B 14 -29.14 22.35 -4.72
C PRO B 14 -29.66 22.24 -3.29
N GLY B 15 -29.01 21.39 -2.49
CA GLY B 15 -29.38 21.10 -1.11
C GLY B 15 -30.03 19.75 -0.94
N GLY B 16 -30.39 19.11 -2.06
CA GLY B 16 -31.02 17.81 -2.13
C GLY B 16 -30.10 16.63 -1.87
N SER B 17 -30.68 15.41 -1.84
CA SER B 17 -29.96 14.17 -1.58
C SER B 17 -30.22 13.07 -2.58
N LEU B 18 -29.23 12.17 -2.69
CA LEU B 18 -29.27 10.97 -3.50
C LEU B 18 -28.49 9.92 -2.73
N ARG B 19 -28.81 8.63 -2.98
CA ARG B 19 -28.07 7.54 -2.39
C ARG B 19 -27.64 6.61 -3.50
N LEU B 20 -26.33 6.54 -3.71
CA LEU B 20 -25.75 5.70 -4.74
C LEU B 20 -25.52 4.31 -4.22
N SER B 21 -25.76 3.32 -5.08
CA SER B 21 -25.59 1.92 -4.78
C SER B 21 -24.63 1.31 -5.78
N CYS B 22 -23.85 0.33 -5.33
CA CYS B 22 -22.92 -0.37 -6.21
C CYS B 22 -22.99 -1.87 -5.91
N ALA B 23 -23.63 -2.62 -6.81
CA ALA B 23 -23.77 -4.07 -6.71
C ALA B 23 -22.49 -4.74 -7.22
N ALA B 24 -21.88 -5.58 -6.35
CA ALA B 24 -20.63 -6.28 -6.64
C ALA B 24 -20.81 -7.79 -6.72
N SER B 25 -20.11 -8.42 -7.68
CA SER B 25 -20.08 -9.87 -7.93
C SER B 25 -18.79 -10.27 -8.64
N GLY B 26 -18.49 -11.57 -8.62
CA GLY B 26 -17.31 -12.14 -9.28
C GLY B 26 -15.99 -12.00 -8.56
N PHE B 27 -16.01 -11.52 -7.30
CA PHE B 27 -14.81 -11.34 -6.46
C PHE B 27 -15.15 -11.32 -4.97
N ALA B 28 -14.14 -11.57 -4.11
CA ALA B 28 -14.28 -11.56 -2.65
C ALA B 28 -14.36 -10.10 -2.18
N PHE B 29 -15.54 -9.50 -2.38
CA PHE B 29 -15.86 -8.10 -2.08
C PHE B 29 -15.45 -7.66 -0.67
N SER B 30 -15.72 -8.51 0.36
CA SER B 30 -15.41 -8.21 1.76
C SER B 30 -13.89 -8.14 2.08
N SER B 31 -13.04 -8.58 1.12
CA SER B 31 -11.58 -8.56 1.26
C SER B 31 -10.98 -7.31 0.56
N TYR B 32 -11.84 -6.50 -0.08
CA TYR B 32 -11.43 -5.32 -0.83
C TYR B 32 -11.83 -4.01 -0.22
N TRP B 33 -10.97 -3.00 -0.39
CA TRP B 33 -11.24 -1.62 -0.01
C TRP B 33 -12.04 -1.10 -1.20
N MET B 34 -13.05 -0.28 -0.97
CA MET B 34 -13.86 0.20 -2.09
C MET B 34 -13.75 1.70 -2.29
N TYR B 35 -13.95 2.16 -3.53
CA TYR B 35 -13.77 3.56 -3.89
C TYR B 35 -14.91 4.12 -4.70
N TRP B 36 -15.24 5.39 -4.44
CA TRP B 36 -16.23 6.14 -5.21
C TRP B 36 -15.45 7.16 -6.01
N VAL B 37 -15.63 7.15 -7.32
CA VAL B 37 -14.96 8.08 -8.24
C VAL B 37 -16.01 8.79 -9.11
N ARG B 38 -15.75 10.05 -9.50
CA ARG B 38 -16.67 10.81 -10.34
C ARG B 38 -15.98 11.49 -11.51
N GLN B 39 -16.73 11.74 -12.58
CA GLN B 39 -16.24 12.45 -13.74
C GLN B 39 -17.27 13.47 -14.20
N ALA B 40 -17.01 14.74 -13.84
CA ALA B 40 -17.84 15.91 -14.20
C ALA B 40 -17.81 16.13 -15.74
N PRO B 41 -18.89 16.67 -16.35
CA PRO B 41 -18.95 16.82 -17.82
C PRO B 41 -17.64 17.10 -18.59
N GLU B 42 -16.90 18.18 -18.26
CA GLU B 42 -15.69 18.52 -19.02
C GLU B 42 -14.38 18.38 -18.26
N LYS B 43 -14.39 17.62 -17.15
CA LYS B 43 -13.22 17.38 -16.32
C LYS B 43 -12.78 15.91 -16.39
N GLY B 44 -11.61 15.62 -15.81
CA GLY B 44 -11.07 14.27 -15.72
C GLY B 44 -11.65 13.53 -14.53
N LEU B 45 -11.35 12.23 -14.40
CA LEU B 45 -11.83 11.40 -13.30
C LEU B 45 -11.22 11.84 -11.96
N GLU B 46 -12.10 12.10 -10.97
CA GLU B 46 -11.77 12.53 -9.62
C GLU B 46 -12.11 11.44 -8.62
N TRP B 47 -11.30 11.32 -7.57
CA TRP B 47 -11.57 10.39 -6.47
C TRP B 47 -12.53 11.13 -5.51
N VAL B 48 -13.55 10.43 -5.01
CA VAL B 48 -14.56 11.02 -4.12
C VAL B 48 -14.47 10.46 -2.71
N SER B 49 -14.50 9.13 -2.59
CA SER B 49 -14.50 8.48 -1.28
C SER B 49 -13.83 7.13 -1.27
N THR B 50 -13.37 6.70 -0.07
CA THR B 50 -12.71 5.42 0.21
C THR B 50 -13.29 4.81 1.48
N ILE B 51 -13.47 3.49 1.48
CA ILE B 51 -13.94 2.71 2.62
C ILE B 51 -13.06 1.45 2.73
N ASN B 52 -12.70 1.03 3.97
CA ASN B 52 -11.93 -0.21 4.14
C ASN B 52 -12.90 -1.41 4.00
N THR B 53 -12.40 -2.64 4.23
CA THR B 53 -13.18 -3.87 4.09
C THR B 53 -14.45 -3.94 4.96
N GLY B 54 -14.30 -3.67 6.26
CA GLY B 54 -15.40 -3.73 7.23
C GLY B 54 -16.20 -2.46 7.42
N GLY B 55 -15.63 -1.32 6.99
CA GLY B 55 -16.29 -0.02 7.09
C GLY B 55 -15.88 0.85 8.26
N GLY B 56 -14.86 0.41 9.02
CA GLY B 56 -14.34 1.14 10.17
C GLY B 56 -13.43 2.30 9.81
N ILE B 57 -12.93 2.32 8.57
CA ILE B 57 -12.06 3.36 8.03
C ILE B 57 -12.73 3.96 6.80
N THR B 58 -12.99 5.27 6.84
CA THR B 58 -13.59 6.01 5.72
C THR B 58 -12.77 7.26 5.42
N TYR B 59 -12.72 7.65 4.14
CA TYR B 59 -12.02 8.83 3.63
C TYR B 59 -12.86 9.53 2.59
N TYR B 60 -12.78 10.87 2.53
CA TYR B 60 -13.56 11.70 1.61
C TYR B 60 -12.73 12.80 1.01
N LYS B 61 -13.14 13.25 -0.20
CA LYS B 61 -12.55 14.39 -0.90
C LYS B 61 -12.93 15.61 -0.04
N ASP B 62 -11.99 16.55 0.18
CA ASP B 62 -12.17 17.75 1.02
C ASP B 62 -13.51 18.47 0.81
N SER B 63 -13.92 18.62 -0.46
CA SER B 63 -15.16 19.30 -0.87
C SER B 63 -16.45 18.54 -0.54
N VAL B 64 -16.36 17.24 -0.19
CA VAL B 64 -17.55 16.42 0.11
C VAL B 64 -17.64 16.01 1.61
N LYS B 65 -16.58 16.31 2.40
CA LYS B 65 -16.52 16.03 3.85
C LYS B 65 -17.68 16.68 4.59
N GLY B 66 -18.38 15.87 5.40
CA GLY B 66 -19.53 16.34 6.18
C GLY B 66 -20.85 16.34 5.45
N ARG B 67 -20.84 16.14 4.11
CA ARG B 67 -22.04 16.11 3.26
C ARG B 67 -22.28 14.69 2.73
N PHE B 68 -21.18 13.97 2.40
CA PHE B 68 -21.24 12.61 1.87
C PHE B 68 -20.85 11.59 2.93
N THR B 69 -21.49 10.39 2.86
CA THR B 69 -21.23 9.28 3.78
C THR B 69 -21.19 7.97 3.01
N VAL B 70 -20.01 7.32 3.01
CA VAL B 70 -19.78 6.01 2.38
C VAL B 70 -20.05 4.89 3.41
N SER B 71 -20.72 3.82 2.97
CA SER B 71 -21.00 2.66 3.80
C SER B 71 -21.03 1.40 2.92
N ARG B 72 -21.13 0.22 3.55
CA ARG B 72 -21.17 -1.05 2.85
C ARG B 72 -21.89 -2.15 3.63
N ASP B 73 -22.54 -3.06 2.90
CA ASP B 73 -23.22 -4.23 3.44
C ASP B 73 -22.57 -5.42 2.77
N ASN B 74 -21.62 -6.03 3.48
CA ASN B 74 -20.83 -7.17 3.00
C ASN B 74 -21.66 -8.42 2.71
N ALA B 75 -22.74 -8.67 3.47
CA ALA B 75 -23.64 -9.80 3.25
C ALA B 75 -24.44 -9.64 1.96
N LYS B 76 -24.75 -8.38 1.60
CA LYS B 76 -25.50 -8.03 0.40
C LYS B 76 -24.57 -7.74 -0.79
N ASN B 77 -23.24 -7.69 -0.54
CA ASN B 77 -22.18 -7.38 -1.53
C ASN B 77 -22.46 -6.06 -2.25
N THR B 78 -22.81 -5.02 -1.44
CA THR B 78 -23.18 -3.70 -1.93
C THR B 78 -22.38 -2.59 -1.24
N LEU B 79 -22.02 -1.57 -2.03
CA LEU B 79 -21.34 -0.36 -1.60
C LEU B 79 -22.34 0.79 -1.71
N TYR B 80 -22.33 1.71 -0.73
CA TYR B 80 -23.25 2.85 -0.71
C TYR B 80 -22.54 4.18 -0.59
N LEU B 81 -23.20 5.25 -1.07
CA LEU B 81 -22.75 6.63 -0.97
C LEU B 81 -23.95 7.55 -0.75
N GLN B 82 -24.19 7.95 0.51
CA GLN B 82 -25.26 8.86 0.87
C GLN B 82 -24.72 10.26 0.54
N MET B 83 -25.42 10.97 -0.34
CA MET B 83 -25.00 12.29 -0.80
C MET B 83 -26.01 13.34 -0.37
N ASN B 84 -25.69 14.10 0.69
CA ASN B 84 -26.56 15.15 1.20
C ASN B 84 -26.03 16.53 0.82
N SER B 85 -26.88 17.56 0.94
CA SER B 85 -26.59 18.97 0.65
C SER B 85 -25.83 19.12 -0.69
N LEU B 86 -26.35 18.44 -1.73
CA LEU B 86 -25.77 18.42 -3.07
C LEU B 86 -25.65 19.79 -3.69
N LYS B 87 -24.47 20.09 -4.23
CA LYS B 87 -24.09 21.35 -4.85
C LYS B 87 -23.91 21.17 -6.37
N PRO B 88 -24.06 22.24 -7.20
CA PRO B 88 -23.83 22.08 -8.65
C PRO B 88 -22.48 21.48 -9.04
N GLU B 89 -21.43 21.67 -8.21
CA GLU B 89 -20.07 21.12 -8.42
C GLU B 89 -20.03 19.58 -8.34
N ASP B 90 -21.02 18.98 -7.66
CA ASP B 90 -21.14 17.53 -7.48
C ASP B 90 -21.79 16.85 -8.69
N ALA B 91 -22.31 17.64 -9.67
CA ALA B 91 -22.95 17.08 -10.86
C ALA B 91 -21.90 16.39 -11.72
N ALA B 92 -22.01 15.05 -11.82
CA ALA B 92 -21.08 14.18 -12.52
C ALA B 92 -21.64 12.77 -12.74
N GLN B 93 -20.90 11.94 -13.48
CA GLN B 93 -21.17 10.53 -13.69
C GLN B 93 -20.36 9.85 -12.58
N TYR B 94 -21.02 9.09 -11.71
CA TYR B 94 -20.39 8.43 -10.56
C TYR B 94 -20.19 6.94 -10.76
N TYR B 95 -19.01 6.47 -10.40
CA TYR B 95 -18.60 5.07 -10.52
C TYR B 95 -18.05 4.56 -9.21
N CYS B 96 -18.18 3.25 -8.98
CA CYS B 96 -17.55 2.56 -7.86
C CYS B 96 -16.36 1.79 -8.45
N ALA B 97 -15.31 1.58 -7.66
CA ALA B 97 -14.10 0.89 -8.15
C ALA B 97 -13.29 0.25 -7.02
N THR B 98 -12.29 -0.57 -7.40
CA THR B 98 -11.37 -1.26 -6.50
C THR B 98 -10.06 -0.45 -6.36
N ASP B 99 -10.00 0.73 -7.02
CA ASP B 99 -8.88 1.67 -7.02
C ASP B 99 -9.35 3.10 -7.40
N MET B 100 -8.47 4.09 -7.29
CA MET B 100 -8.76 5.49 -7.60
C MET B 100 -8.81 5.80 -9.11
N SER B 101 -8.14 4.96 -9.93
CA SER B 101 -8.10 5.11 -11.39
C SER B 101 -9.41 4.72 -12.08
N GLY B 102 -10.25 3.97 -11.39
CA GLY B 102 -11.53 3.51 -11.92
C GLY B 102 -11.43 2.18 -12.64
N THR B 103 -10.48 1.32 -12.23
CA THR B 103 -10.36 -0.02 -12.81
C THR B 103 -11.52 -0.84 -12.25
N TYR B 104 -12.18 -1.60 -13.13
CA TYR B 104 -13.33 -2.48 -12.90
C TYR B 104 -14.64 -1.73 -12.68
N ARG B 105 -14.68 -0.40 -12.98
CA ARG B 105 -15.88 0.42 -12.85
C ARG B 105 -16.97 -0.02 -13.83
N GLY B 106 -18.23 0.17 -13.45
CA GLY B 106 -19.37 -0.18 -14.28
C GLY B 106 -19.69 0.91 -15.28
N GLN B 107 -20.98 1.03 -15.64
CA GLN B 107 -21.42 2.05 -16.59
C GLN B 107 -21.68 3.39 -15.90
N GLY B 108 -21.65 3.38 -14.57
CA GLY B 108 -21.87 4.56 -13.75
C GLY B 108 -23.32 4.97 -13.63
N THR B 109 -23.55 6.07 -12.92
CA THR B 109 -24.87 6.64 -12.69
C THR B 109 -24.73 8.18 -12.73
N GLN B 110 -25.64 8.84 -13.46
CA GLN B 110 -25.61 10.29 -13.64
C GLN B 110 -26.27 11.04 -12.50
N VAL B 111 -25.56 12.03 -11.95
CA VAL B 111 -26.04 12.90 -10.87
C VAL B 111 -26.17 14.32 -11.45
N THR B 112 -27.35 14.93 -11.33
CA THR B 112 -27.60 16.28 -11.83
C THR B 112 -28.15 17.18 -10.72
N VAL B 113 -27.55 18.36 -10.55
CA VAL B 113 -27.94 19.35 -9.53
C VAL B 113 -28.37 20.63 -10.27
N SER B 114 -29.70 20.90 -10.33
CA SER B 114 -30.25 22.06 -11.05
C SER B 114 -31.48 22.67 -10.39
N SER B 115 -31.57 24.02 -10.45
CA SER B 115 -32.64 24.89 -9.93
C SER B 115 -32.99 24.67 -8.47
#